data_3TU7
#
_entry.id   3TU7
#
_cell.length_a   164.219
_cell.length_b   48.952
_cell.length_c   43.631
_cell.angle_alpha   90.00
_cell.angle_beta   90.00
_cell.angle_gamma   90.00
#
_symmetry.space_group_name_H-M   'P 21 21 2'
#
loop_
_entity.id
_entity.type
_entity.pdbx_description
1 polymer Prothrombin
2 polymer Prothrombin
3 polymer 'Hirudin variant-2'
4 non-polymer N-(methylsulfonyl)-D-phenylalanyl-N-[(1-carbamimidoylpiperidin-4-yl)methyl]-L-prolinamide
5 water water
#
loop_
_entity_poly.entity_id
_entity_poly.type
_entity_poly.pdbx_seq_one_letter_code
_entity_poly.pdbx_strand_id
1 'polypeptide(L)' TFGSGEADCGLRPLFEKKSLEDKTERELLESYIDGR L
2 'polypeptide(L)'
;IVEGSDAEIGMSPWQVMLFRKSPQELLCGASLISDRWVLTAAHCLLYPPWDKNFTENDLLVRIGKHSRTRYERNIEKISM
LEKIYIHPRYNWRENLDRDIALMKLKKPVAFSDYIHPVCLPDRETAASLLQAGYKGRVTGWGNLKETWTANVGKGQPSVL
QVVNLPIVERPVCKDSTRIRITDNMFCAGYKPDEGKRGDACEGDSGGPFVMKSPFNNRWYQMGIVSWGEGCDRDGKYGFY
THVFRLKKWIQKVIDQFGE
;
H
3 'polypeptide(L)' GDFEEIPEE(PTR)LQ I
#
loop_
_chem_comp.id
_chem_comp.type
_chem_comp.name
_chem_comp.formula
0BM non-polymer N-(methylsulfonyl)-D-phenylalanyl-N-[(1-carbamimidoylpiperidin-4-yl)methyl]-L-prolinamide 'C22 H34 N6 O4 S'
#
# COMPACT_ATOMS: atom_id res chain seq x y z
N PHE A 2 -10.48 -1.44 17.52
CA PHE A 2 -9.86 -0.80 18.66
C PHE A 2 -8.47 -0.28 18.25
N GLY A 3 -8.40 0.93 17.69
CA GLY A 3 -9.50 1.85 17.43
C GLY A 3 -8.97 2.95 16.54
N SER A 4 -8.27 3.92 17.17
CA SER A 4 -7.53 5.01 16.51
C SER A 4 -6.12 4.44 16.21
N GLY A 5 -5.89 3.19 16.64
CA GLY A 5 -4.66 2.43 16.49
C GLY A 5 -3.72 2.59 17.67
N GLU A 6 -2.44 2.32 17.45
CA GLU A 6 -1.46 2.53 18.52
C GLU A 6 -0.98 3.95 18.46
N ALA A 7 -0.64 4.51 19.62
CA ALA A 7 -0.18 5.90 19.83
C ALA A 7 0.97 6.30 18.92
N ASP A 8 1.69 5.27 18.42
CA ASP A 8 2.88 5.14 17.57
C ASP A 8 2.73 5.49 16.12
N CYS A 9 1.58 5.12 15.56
CA CYS A 9 1.30 5.15 14.14
C CYS A 9 1.68 6.42 13.34
N GLY A 10 2.14 6.19 12.12
CA GLY A 10 2.49 7.20 11.12
C GLY A 10 3.61 8.16 11.46
N LEU A 11 4.38 7.86 12.52
CA LEU A 11 5.53 8.67 12.94
C LEU A 11 6.73 7.78 12.82
N ARG A 12 7.60 8.14 11.87
CA ARG A 12 8.76 7.33 11.51
C ARG A 12 9.96 7.58 12.40
N PRO A 13 10.61 6.49 12.90
CA PRO A 13 11.77 6.68 13.80
C PRO A 13 12.92 7.46 13.20
N LEU A 14 13.17 7.30 11.89
CA LEU A 14 14.24 7.96 11.16
C LEU A 14 13.86 9.36 10.64
N PHE A 15 12.56 9.76 10.72
CA PHE A 15 12.11 11.07 10.26
C PHE A 15 11.44 11.96 11.32
N GLU A 16 10.14 11.77 11.59
CA GLU A 16 9.38 12.58 12.58
C GLU A 16 9.98 12.56 13.97
N LYS A 17 10.44 11.40 14.46
CA LYS A 17 11.07 11.24 15.76
C LYS A 17 12.33 12.06 15.91
N LYS A 18 13.12 12.19 14.82
CA LYS A 18 14.38 12.92 14.80
C LYS A 18 14.19 14.34 14.23
N SER A 19 12.95 14.75 13.98
CA SER A 19 12.60 16.06 13.42
C SER A 19 13.23 16.31 12.06
N LEU A 20 13.41 15.21 11.26
CA LEU A 20 13.96 15.28 9.90
C LEU A 20 12.87 15.03 8.89
N GLU A 21 13.04 15.60 7.70
CA GLU A 21 12.09 15.48 6.60
C GLU A 21 12.69 14.65 5.49
N ASP A 22 11.89 13.87 4.76
CA ASP A 22 12.40 13.17 3.58
C ASP A 22 12.50 14.18 2.41
N LYS A 23 13.10 13.78 1.31
CA LYS A 23 13.38 14.66 0.18
C LYS A 23 12.18 15.27 -0.53
N THR A 24 11.05 14.54 -0.66
CA THR A 24 9.84 14.94 -1.40
C THR A 24 8.62 15.30 -0.56
N GLU A 25 8.69 15.14 0.76
CA GLU A 25 7.64 15.48 1.73
C GLU A 25 6.94 16.85 1.53
N ARG A 26 7.73 17.92 1.26
CA ARG A 26 7.29 19.31 1.08
C ARG A 26 6.27 19.46 -0.03
N GLU A 27 6.47 18.69 -1.12
CA GLU A 27 5.58 18.63 -2.27
C GLU A 27 4.15 18.28 -1.80
N LEU A 28 4.01 17.29 -0.86
CA LEU A 28 2.72 16.90 -0.27
C LEU A 28 2.11 18.03 0.58
N LEU A 29 2.90 18.55 1.53
CA LEU A 29 2.46 19.63 2.41
C LEU A 29 2.09 20.89 1.64
N GLU A 30 2.85 21.25 0.57
CA GLU A 30 2.54 22.43 -0.21
C GLU A 30 1.25 22.30 -1.00
N SER A 31 0.88 21.05 -1.31
CA SER A 31 -0.40 20.74 -1.98
C SER A 31 -1.60 20.96 -1.03
N TYR A 32 -1.37 21.01 0.32
CA TYR A 32 -2.40 21.22 1.36
C TYR A 32 -2.44 22.69 1.82
N ILE B 1 6.21 1.13 -9.94
CA ILE B 1 6.08 2.59 -9.93
C ILE B 1 6.69 3.25 -11.18
N VAL B 2 5.84 3.80 -12.07
CA VAL B 2 6.30 4.48 -13.27
C VAL B 2 6.60 5.92 -12.90
N GLU B 3 7.71 6.48 -13.45
CA GLU B 3 8.13 7.86 -13.24
C GLU B 3 8.31 8.24 -11.78
N GLY B 4 8.83 7.31 -10.98
CA GLY B 4 9.11 7.59 -9.57
C GLY B 4 10.59 7.70 -9.28
N SER B 5 10.96 7.78 -7.98
CA SER B 5 12.38 7.87 -7.61
C SER B 5 12.67 6.89 -6.48
N ASP B 6 13.97 6.70 -6.15
CA ASP B 6 14.33 5.78 -5.08
C ASP B 6 13.89 6.29 -3.72
N ALA B 7 13.48 5.37 -2.86
CA ALA B 7 13.06 5.76 -1.53
C ALA B 7 14.32 5.88 -0.67
N GLU B 8 14.28 6.75 0.33
CA GLU B 8 15.36 6.86 1.30
C GLU B 8 15.15 5.71 2.29
N ILE B 9 16.20 5.31 3.01
CA ILE B 9 16.10 4.24 4.01
C ILE B 9 15.12 4.71 5.10
N GLY B 10 14.16 3.84 5.41
CA GLY B 10 13.12 4.05 6.43
C GLY B 10 12.10 5.10 6.12
N MET B 11 11.89 5.40 4.84
CA MET B 11 10.91 6.39 4.43
C MET B 11 9.46 5.81 4.54
N SER B 12 9.27 4.50 4.34
CA SER B 12 7.95 3.86 4.45
C SER B 12 8.11 2.64 5.35
N PRO B 13 8.34 2.84 6.67
CA PRO B 13 8.54 1.68 7.55
C PRO B 13 7.32 0.74 7.68
N TRP B 14 6.19 1.09 7.01
CA TRP B 14 4.97 0.27 6.99
C TRP B 14 4.84 -0.58 5.71
N GLN B 15 5.72 -0.35 4.72
CA GLN B 15 5.73 -1.06 3.43
C GLN B 15 6.03 -2.53 3.67
N VAL B 16 5.23 -3.39 3.08
CA VAL B 16 5.39 -4.83 3.26
C VAL B 16 5.55 -5.47 1.89
N MET B 17 6.29 -6.57 1.83
CA MET B 17 6.40 -7.31 0.60
C MET B 17 5.67 -8.66 0.78
N LEU B 18 4.72 -8.92 -0.10
CA LEU B 18 4.02 -10.20 -0.23
C LEU B 18 4.92 -11.05 -1.16
N PHE B 19 5.49 -12.13 -0.59
CA PHE B 19 6.46 -12.97 -1.25
C PHE B 19 6.01 -14.41 -1.31
N ARG B 20 6.04 -14.98 -2.51
CA ARG B 20 5.65 -16.39 -2.76
C ARG B 20 6.80 -17.32 -2.39
N LYS B 21 6.49 -18.45 -1.71
CA LYS B 21 7.48 -19.49 -1.33
C LYS B 21 7.99 -20.25 -2.58
N SER B 22 7.09 -20.87 -3.36
CA SER B 22 7.48 -21.65 -4.54
C SER B 22 6.63 -21.35 -5.78
N PRO B 23 7.20 -20.73 -6.85
CA PRO B 23 8.57 -20.22 -6.97
C PRO B 23 8.73 -18.95 -6.13
N GLN B 24 9.98 -18.66 -5.74
CA GLN B 24 10.39 -17.53 -4.95
C GLN B 24 10.25 -16.28 -5.81
N GLU B 25 9.14 -15.53 -5.64
CA GLU B 25 8.85 -14.30 -6.39
C GLU B 25 8.04 -13.24 -5.61
N LEU B 26 8.09 -11.97 -6.08
CA LEU B 26 7.31 -10.87 -5.50
C LEU B 26 5.86 -11.04 -6.03
N LEU B 27 4.89 -11.08 -5.09
CA LEU B 27 3.45 -11.18 -5.34
C LEU B 27 2.81 -9.83 -5.39
N CYS B 28 3.00 -9.02 -4.34
CA CYS B 28 2.30 -7.74 -4.11
C CYS B 28 2.96 -6.94 -3.03
N GLY B 29 2.43 -5.74 -2.87
CA GLY B 29 2.74 -4.83 -1.77
C GLY B 29 1.66 -5.05 -0.73
N ALA B 30 1.87 -4.48 0.43
CA ALA B 30 1.00 -4.59 1.58
C ALA B 30 1.45 -3.50 2.61
N SER B 31 0.75 -3.37 3.74
CA SER B 31 1.11 -2.38 4.75
C SER B 31 0.89 -2.89 6.18
N LEU B 32 1.78 -2.50 7.10
CA LEU B 32 1.79 -2.87 8.52
C LEU B 32 0.86 -1.88 9.19
N ILE B 33 -0.19 -2.41 9.85
CA ILE B 33 -1.22 -1.63 10.49
C ILE B 33 -1.21 -1.67 12.04
N SER B 34 -0.45 -2.61 12.60
CA SER B 34 -0.28 -2.93 14.02
C SER B 34 0.81 -4.01 14.03
N ASP B 35 1.24 -4.47 15.22
CA ASP B 35 2.26 -5.52 15.39
C ASP B 35 1.89 -6.92 14.81
N ARG B 36 0.59 -7.22 14.65
CA ARG B 36 0.15 -8.52 14.13
C ARG B 36 -0.71 -8.44 12.83
N TRP B 37 -1.06 -7.25 12.35
CA TRP B 37 -1.96 -7.08 11.22
C TRP B 37 -1.35 -6.38 10.00
N VAL B 38 -1.66 -6.94 8.81
CA VAL B 38 -1.19 -6.45 7.53
C VAL B 38 -2.40 -6.24 6.57
N LEU B 39 -2.41 -5.09 5.89
CA LEU B 39 -3.46 -4.69 4.96
C LEU B 39 -2.95 -4.86 3.51
N THR B 40 -3.76 -5.46 2.64
CA THR B 40 -3.36 -5.61 1.23
C THR B 40 -4.64 -5.46 0.40
N ALA B 41 -4.57 -5.82 -0.91
CA ALA B 41 -5.70 -5.85 -1.83
C ALA B 41 -6.12 -7.32 -1.92
N ALA B 42 -7.42 -7.59 -2.00
CA ALA B 42 -7.95 -8.93 -2.10
C ALA B 42 -7.51 -9.54 -3.44
N HIS B 43 -7.39 -8.71 -4.49
CA HIS B 43 -6.99 -9.20 -5.81
C HIS B 43 -5.59 -9.87 -5.87
N CYS B 44 -4.70 -9.52 -4.92
CA CYS B 44 -3.37 -10.13 -4.75
C CYS B 44 -3.45 -11.59 -4.43
N LEU B 45 -4.52 -12.00 -3.71
CA LEU B 45 -4.74 -13.33 -3.17
C LEU B 45 -5.78 -14.10 -3.94
N LEU B 46 -6.89 -13.44 -4.28
CA LEU B 46 -8.02 -14.06 -4.94
C LEU B 46 -8.47 -13.27 -6.14
N TYR B 47 -8.29 -13.87 -7.33
CA TYR B 47 -8.75 -13.32 -8.59
C TYR B 47 -9.06 -14.48 -9.54
N PRO B 48 -10.26 -15.14 -9.36
CA PRO B 48 -10.63 -16.29 -10.22
C PRO B 48 -10.50 -16.11 -11.74
N PRO B 49 -10.76 -14.94 -12.38
CA PRO B 49 -10.57 -14.87 -13.85
C PRO B 49 -9.15 -15.19 -14.31
N TRP B 50 -8.14 -15.04 -13.42
CA TRP B 50 -6.74 -15.32 -13.77
C TRP B 50 -6.19 -16.51 -13.04
N ASP B 51 -7.06 -17.33 -12.46
CA ASP B 51 -6.67 -18.52 -11.69
C ASP B 51 -5.81 -18.22 -10.43
N LYS B 52 -5.96 -17.03 -9.81
CA LYS B 52 -5.22 -16.73 -8.59
C LYS B 52 -6.08 -17.05 -7.38
N ASN B 53 -5.57 -17.94 -6.54
CA ASN B 53 -6.11 -18.39 -5.25
C ASN B 53 -4.90 -18.79 -4.37
N PHE B 54 -4.24 -17.81 -3.71
CA PHE B 54 -3.13 -18.04 -2.77
C PHE B 54 -3.66 -18.13 -1.33
N THR B 55 -3.26 -19.18 -0.63
CA THR B 55 -3.64 -19.40 0.77
C THR B 55 -2.44 -18.99 1.64
N GLU B 56 -2.61 -19.08 2.97
CA GLU B 56 -1.62 -18.72 4.00
C GLU B 56 -0.29 -19.45 3.87
N ASN B 57 -0.33 -20.76 3.59
CA ASN B 57 0.88 -21.59 3.46
C ASN B 57 1.67 -21.30 2.19
N ASP B 58 1.08 -20.55 1.24
CA ASP B 58 1.72 -20.24 -0.05
C ASP B 58 2.64 -19.04 0.03
N LEU B 59 2.50 -18.21 1.06
CA LEU B 59 3.34 -17.02 1.09
C LEU B 59 3.85 -16.60 2.44
N LEU B 60 4.82 -15.68 2.37
CA LEU B 60 5.46 -15.02 3.51
C LEU B 60 5.31 -13.53 3.31
N VAL B 61 5.49 -12.78 4.41
CA VAL B 61 5.39 -11.35 4.56
C VAL B 61 6.82 -10.86 4.99
N ARG B 62 7.42 -9.95 4.20
CA ARG B 62 8.77 -9.41 4.40
C ARG B 62 8.66 -7.90 4.65
N ILE B 63 8.90 -7.52 5.89
CA ILE B 63 8.79 -6.19 6.46
C ILE B 63 10.20 -5.59 6.75
N GLY B 64 10.37 -4.28 6.54
CA GLY B 64 11.61 -3.57 6.82
C GLY B 64 12.59 -3.51 5.67
N LYS B 65 12.12 -3.83 4.45
CA LYS B 65 12.91 -3.91 3.23
C LYS B 65 13.14 -2.61 2.50
N HIS B 66 14.27 -2.54 1.79
CA HIS B 66 14.65 -1.40 0.94
C HIS B 66 14.92 -1.99 -0.44
N SER B 67 15.89 -2.93 -0.52
CA SER B 67 16.22 -3.67 -1.74
C SER B 67 15.06 -4.61 -2.10
N ARG B 68 14.82 -4.79 -3.41
CA ARG B 68 13.81 -5.71 -3.89
C ARG B 68 14.26 -7.18 -3.74
N THR B 69 15.51 -7.46 -4.15
CA THR B 69 16.08 -8.81 -4.31
C THR B 69 16.90 -9.37 -3.14
N ARG B 70 17.69 -8.52 -2.47
CA ARG B 70 18.53 -8.95 -1.36
C ARG B 70 17.77 -9.46 -0.15
N TYR B 71 18.37 -10.49 0.50
CA TYR B 71 17.91 -10.94 1.81
C TYR B 71 18.67 -10.00 2.79
N GLU B 72 17.98 -8.96 3.25
CA GLU B 72 18.53 -7.91 4.14
C GLU B 72 18.59 -8.34 5.61
N ARG B 73 19.50 -9.26 5.90
CA ARG B 73 19.74 -9.99 7.17
C ARG B 73 19.29 -9.38 8.51
N ASN B 74 19.95 -8.34 9.02
CA ASN B 74 19.48 -7.84 10.32
C ASN B 74 18.57 -6.62 10.22
N ILE B 75 17.91 -6.45 9.07
CA ILE B 75 17.04 -5.31 8.83
C ILE B 75 15.65 -5.84 8.59
N GLU B 76 15.47 -6.67 7.53
CA GLU B 76 14.16 -7.24 7.23
C GLU B 76 13.76 -8.30 8.24
N LYS B 77 12.44 -8.55 8.35
CA LYS B 77 11.86 -9.56 9.24
C LYS B 77 10.83 -10.32 8.41
N ILE B 78 10.85 -11.65 8.49
CA ILE B 78 9.98 -12.51 7.68
C ILE B 78 8.93 -13.15 8.57
N SER B 79 7.66 -13.04 8.18
CA SER B 79 6.57 -13.56 8.98
C SER B 79 5.72 -14.54 8.23
N MET B 80 5.16 -15.49 9.00
CA MET B 80 4.21 -16.47 8.48
C MET B 80 2.81 -15.92 8.74
N LEU B 81 1.84 -16.28 7.91
CA LEU B 81 0.47 -15.83 8.09
C LEU B 81 -0.32 -16.84 8.91
N GLU B 82 -1.17 -16.36 9.83
CA GLU B 82 -2.07 -17.22 10.60
C GLU B 82 -3.41 -17.39 9.84
N LYS B 83 -3.93 -16.28 9.30
CA LYS B 83 -5.22 -16.22 8.63
C LYS B 83 -5.27 -15.06 7.70
N ILE B 84 -6.02 -15.24 6.59
CA ILE B 84 -6.30 -14.27 5.56
C ILE B 84 -7.79 -13.96 5.66
N TYR B 85 -8.15 -12.68 5.71
CA TYR B 85 -9.54 -12.24 5.76
C TYR B 85 -9.81 -11.40 4.53
N ILE B 86 -10.61 -11.93 3.60
CA ILE B 86 -10.96 -11.20 2.38
C ILE B 86 -12.35 -10.61 2.62
N HIS B 87 -12.58 -9.32 2.26
CA HIS B 87 -13.90 -8.70 2.40
C HIS B 87 -14.99 -9.59 1.78
N PRO B 88 -16.11 -9.87 2.47
CA PRO B 88 -17.13 -10.78 1.89
C PRO B 88 -17.84 -10.29 0.63
N ARG B 89 -17.86 -8.96 0.41
CA ARG B 89 -18.52 -8.33 -0.75
C ARG B 89 -17.51 -7.85 -1.79
N TYR B 90 -16.32 -8.47 -1.79
CA TYR B 90 -15.29 -8.20 -2.79
C TYR B 90 -15.84 -8.71 -4.15
N ASN B 91 -15.84 -7.82 -5.14
CA ASN B 91 -16.36 -8.06 -6.46
C ASN B 91 -15.24 -8.21 -7.50
N TRP B 92 -14.74 -9.44 -7.68
CA TRP B 92 -13.72 -9.76 -8.68
C TRP B 92 -14.33 -9.90 -10.08
N ARG B 93 -15.63 -10.21 -10.11
CA ARG B 93 -16.46 -10.43 -11.29
C ARG B 93 -16.55 -9.20 -12.19
N GLU B 94 -16.89 -8.07 -11.59
CA GLU B 94 -17.18 -6.87 -12.33
C GLU B 94 -16.13 -5.74 -12.33
N ASN B 95 -15.81 -5.18 -11.14
CA ASN B 95 -15.02 -3.93 -11.05
C ASN B 95 -13.96 -3.82 -9.95
N LEU B 96 -13.66 -4.93 -9.24
CA LEU B 96 -12.77 -4.96 -8.07
C LEU B 96 -13.34 -4.12 -6.93
N ASP B 97 -14.68 -4.06 -6.82
CA ASP B 97 -15.33 -3.34 -5.72
C ASP B 97 -14.95 -4.03 -4.40
N ARG B 98 -14.55 -3.22 -3.41
CA ARG B 98 -14.07 -3.67 -2.10
C ARG B 98 -12.80 -4.54 -2.22
N ASP B 99 -11.74 -3.96 -2.88
CA ASP B 99 -10.48 -4.68 -3.09
C ASP B 99 -9.55 -4.44 -1.90
N ILE B 100 -9.87 -5.18 -0.83
CA ILE B 100 -9.25 -5.09 0.47
C ILE B 100 -9.15 -6.47 1.12
N ALA B 101 -8.08 -6.70 1.88
CA ALA B 101 -7.88 -7.94 2.61
C ALA B 101 -7.02 -7.66 3.82
N LEU B 102 -7.24 -8.43 4.89
CA LEU B 102 -6.48 -8.38 6.13
C LEU B 102 -5.76 -9.72 6.28
N MET B 103 -4.58 -9.67 6.87
CA MET B 103 -3.76 -10.87 7.12
C MET B 103 -3.25 -10.80 8.56
N LYS B 104 -3.51 -11.86 9.33
CA LYS B 104 -3.04 -11.94 10.70
C LYS B 104 -1.71 -12.70 10.71
N LEU B 105 -0.69 -12.05 11.27
CA LEU B 105 0.63 -12.62 11.44
C LEU B 105 0.59 -13.67 12.56
N LYS B 106 1.33 -14.78 12.36
CA LYS B 106 1.43 -15.92 13.29
C LYS B 106 1.91 -15.44 14.67
N LYS B 107 2.92 -14.55 14.69
CA LYS B 107 3.51 -13.99 15.89
C LYS B 107 3.70 -12.48 15.68
N PRO B 108 3.62 -11.62 16.73
CA PRO B 108 3.81 -10.17 16.50
C PRO B 108 5.22 -9.81 16.03
N VAL B 109 5.30 -8.76 15.23
CA VAL B 109 6.58 -8.31 14.71
C VAL B 109 7.11 -7.15 15.61
N ALA B 110 8.36 -7.23 16.02
CA ALA B 110 8.91 -6.15 16.86
C ALA B 110 9.24 -4.94 15.98
N PHE B 111 8.95 -3.74 16.50
CA PHE B 111 9.21 -2.52 15.74
C PHE B 111 10.71 -2.17 15.80
N SER B 112 11.15 -1.35 14.88
CA SER B 112 12.55 -0.90 14.77
C SER B 112 12.56 0.38 13.94
N ASP B 113 13.75 0.84 13.54
CA ASP B 113 13.82 2.05 12.73
C ASP B 113 13.25 1.77 11.33
N TYR B 114 13.20 0.50 10.92
CA TYR B 114 12.74 0.10 9.58
C TYR B 114 11.35 -0.57 9.58
N ILE B 115 10.78 -0.86 10.76
CA ILE B 115 9.49 -1.55 10.91
C ILE B 115 8.64 -0.73 11.86
N HIS B 116 7.63 -0.04 11.31
CA HIS B 116 6.74 0.80 12.09
C HIS B 116 5.37 0.87 11.45
N PRO B 117 4.23 0.83 12.18
CA PRO B 117 2.93 0.90 11.49
C PRO B 117 2.49 2.30 11.07
N VAL B 118 1.57 2.35 10.07
CA VAL B 118 0.94 3.56 9.54
C VAL B 118 -0.44 3.71 10.26
N CYS B 119 -1.02 4.95 10.30
CA CYS B 119 -2.35 5.16 10.89
C CYS B 119 -3.41 4.92 9.84
N LEU B 120 -4.60 4.49 10.30
CA LEU B 120 -5.82 4.35 9.53
C LEU B 120 -6.56 5.67 9.76
N PRO B 121 -7.21 6.28 8.74
CA PRO B 121 -7.84 7.59 8.96
C PRO B 121 -9.15 7.59 9.77
N ASP B 122 -9.45 8.72 10.45
CA ASP B 122 -10.74 8.91 11.13
C ASP B 122 -11.56 9.87 10.26
N ARG B 123 -12.78 10.22 10.68
CA ARG B 123 -13.68 11.11 9.93
C ARG B 123 -13.04 12.49 9.66
N GLU B 124 -12.38 13.05 10.69
CA GLU B 124 -11.71 14.36 10.69
C GLU B 124 -10.68 14.38 9.57
N THR B 125 -9.71 13.42 9.65
CA THR B 125 -8.61 13.22 8.72
C THR B 125 -9.06 13.06 7.27
N ALA B 126 -10.06 12.17 7.00
CA ALA B 126 -10.64 11.92 5.68
C ALA B 126 -11.25 13.19 5.10
N ALA B 127 -11.99 13.95 5.94
CA ALA B 127 -12.63 15.20 5.53
C ALA B 127 -11.61 16.24 5.14
N SER B 128 -10.46 16.31 5.86
CA SER B 128 -9.38 17.27 5.64
C SER B 128 -8.45 16.94 4.48
N LEU B 129 -8.05 15.66 4.37
CA LEU B 129 -7.02 15.20 3.43
C LEU B 129 -7.57 14.69 2.10
N LEU B 130 -8.69 13.98 2.13
CA LEU B 130 -9.23 13.40 0.93
C LEU B 130 -9.99 14.37 0.03
N GLN B 131 -9.25 15.31 -0.57
CA GLN B 131 -9.76 16.32 -1.49
C GLN B 131 -8.93 16.37 -2.75
N ALA B 132 -9.61 16.65 -3.86
CA ALA B 132 -9.01 16.76 -5.19
C ALA B 132 -7.92 17.84 -5.19
N GLY B 133 -6.79 17.54 -5.83
CA GLY B 133 -5.66 18.46 -5.92
C GLY B 133 -4.61 18.18 -4.87
N TYR B 134 -5.01 17.60 -3.75
CA TYR B 134 -4.10 17.24 -2.64
C TYR B 134 -3.26 16.05 -3.08
N LYS B 135 -1.97 16.04 -2.70
CA LYS B 135 -1.09 14.95 -3.10
C LYS B 135 -0.97 13.85 -2.07
N GLY B 136 -0.83 12.65 -2.56
CA GLY B 136 -0.59 11.45 -1.75
C GLY B 136 0.65 10.73 -2.23
N ARG B 137 1.01 9.65 -1.56
CA ARG B 137 2.24 8.96 -1.92
C ARG B 137 2.04 7.47 -2.00
N VAL B 138 2.58 6.92 -3.09
CA VAL B 138 2.52 5.51 -3.45
C VAL B 138 3.93 4.97 -3.45
N THR B 139 4.10 3.76 -2.86
CA THR B 139 5.39 3.06 -2.77
C THR B 139 5.29 1.61 -3.19
N GLY B 140 6.36 1.10 -3.79
CA GLY B 140 6.42 -0.27 -4.27
C GLY B 140 7.62 -0.63 -5.11
N TRP B 141 7.77 -1.93 -5.35
CA TRP B 141 8.81 -2.60 -6.11
C TRP B 141 8.28 -3.16 -7.46
N GLY B 142 7.12 -2.68 -7.89
CA GLY B 142 6.50 -3.10 -9.15
C GLY B 142 7.17 -2.51 -10.37
N ASN B 143 6.63 -2.84 -11.56
CA ASN B 143 7.13 -2.40 -12.86
C ASN B 143 7.38 -0.90 -13.02
N LEU B 144 8.50 -0.59 -13.69
CA LEU B 144 9.01 0.76 -13.92
C LEU B 144 8.31 1.39 -15.08
N LYS B 145 7.75 0.53 -15.94
CA LYS B 145 6.99 0.88 -17.13
C LYS B 145 5.99 -0.24 -17.45
N GLU B 146 5.02 0.04 -18.32
CA GLU B 146 3.96 -0.89 -18.74
C GLU B 146 4.46 -2.20 -19.37
N GLY B 155 12.90 -2.97 -16.31
CA GLY B 155 11.53 -2.79 -15.85
C GLY B 155 11.26 -3.11 -14.38
N GLN B 156 12.26 -3.69 -13.68
CA GLN B 156 12.17 -4.06 -12.28
C GLN B 156 13.15 -3.18 -11.51
N PRO B 157 12.79 -2.47 -10.43
CA PRO B 157 13.81 -1.64 -9.73
C PRO B 157 14.66 -2.48 -8.78
N SER B 158 15.82 -1.98 -8.41
CA SER B 158 16.64 -2.70 -7.43
C SER B 158 16.23 -2.29 -6.01
N VAL B 159 15.66 -1.08 -5.87
CA VAL B 159 15.29 -0.49 -4.60
C VAL B 159 13.86 0.06 -4.64
N LEU B 160 13.20 0.12 -3.44
CA LEU B 160 11.87 0.65 -3.25
C LEU B 160 11.72 2.02 -3.93
N GLN B 161 10.59 2.18 -4.66
CA GLN B 161 10.23 3.35 -5.43
C GLN B 161 9.08 4.09 -4.81
N VAL B 162 9.09 5.43 -4.93
CA VAL B 162 8.08 6.38 -4.40
C VAL B 162 7.63 7.34 -5.53
N VAL B 163 6.39 7.85 -5.45
CA VAL B 163 5.81 8.81 -6.41
C VAL B 163 4.68 9.51 -5.65
N ASN B 164 4.61 10.85 -5.79
CA ASN B 164 3.60 11.70 -5.18
C ASN B 164 2.61 12.04 -6.27
N LEU B 165 1.35 11.68 -6.04
CA LEU B 165 0.31 11.85 -7.03
C LEU B 165 -0.91 12.58 -6.48
N PRO B 166 -1.53 13.49 -7.27
CA PRO B 166 -2.69 14.22 -6.74
C PRO B 166 -3.99 13.45 -6.90
N ILE B 167 -4.93 13.69 -5.97
CA ILE B 167 -6.26 13.10 -6.03
C ILE B 167 -7.03 13.88 -7.11
N VAL B 168 -7.79 13.14 -7.91
CA VAL B 168 -8.57 13.59 -9.05
C VAL B 168 -10.06 13.60 -8.68
N GLU B 169 -10.81 14.60 -9.22
CA GLU B 169 -12.25 14.80 -9.00
C GLU B 169 -13.03 13.57 -9.43
N ARG B 170 -14.07 13.19 -8.67
CA ARG B 170 -14.88 12.01 -8.99
C ARG B 170 -15.41 12.00 -10.43
N PRO B 171 -15.86 13.13 -11.04
CA PRO B 171 -16.35 13.07 -12.42
C PRO B 171 -15.30 12.71 -13.45
N VAL B 172 -14.06 13.15 -13.24
CA VAL B 172 -12.94 12.87 -14.14
C VAL B 172 -12.56 11.39 -14.07
N CYS B 173 -12.61 10.80 -12.84
CA CYS B 173 -12.38 9.36 -12.62
C CYS B 173 -13.41 8.53 -13.40
N LYS B 174 -14.69 8.92 -13.32
CA LYS B 174 -15.83 8.28 -13.97
C LYS B 174 -15.72 8.38 -15.47
N ASP B 175 -15.24 9.52 -15.99
CA ASP B 175 -15.12 9.73 -17.43
C ASP B 175 -13.96 9.02 -18.10
N SER B 176 -12.86 8.81 -17.35
CA SER B 176 -11.64 8.17 -17.86
C SER B 176 -11.76 6.68 -18.13
N THR B 177 -12.80 6.01 -17.60
CA THR B 177 -12.92 4.54 -17.79
C THR B 177 -14.29 4.10 -18.20
N ARG B 178 -14.36 2.86 -18.74
CA ARG B 178 -15.67 2.25 -19.03
C ARG B 178 -16.10 1.30 -17.91
N ILE B 179 -15.21 1.09 -16.90
CA ILE B 179 -15.45 0.26 -15.71
C ILE B 179 -16.39 1.03 -14.76
N ARG B 180 -17.25 0.30 -14.03
CA ARG B 180 -18.15 0.93 -13.10
C ARG B 180 -17.45 1.24 -11.74
N ILE B 181 -17.24 2.54 -11.49
CA ILE B 181 -16.65 3.16 -10.32
C ILE B 181 -17.70 3.11 -9.19
N THR B 182 -17.27 2.86 -7.95
CA THR B 182 -18.15 2.88 -6.78
C THR B 182 -17.55 3.90 -5.85
N ASP B 183 -18.20 4.17 -4.73
CA ASP B 183 -17.72 5.09 -3.71
C ASP B 183 -16.62 4.43 -2.87
N ASN B 184 -16.25 3.16 -3.15
CA ASN B 184 -15.21 2.45 -2.40
C ASN B 184 -13.88 2.51 -3.10
N MET B 185 -13.79 3.42 -4.08
CA MET B 185 -12.61 3.64 -4.87
C MET B 185 -12.48 5.13 -5.02
N PHE B 186 -11.24 5.59 -5.21
CA PHE B 186 -10.92 6.95 -5.61
C PHE B 186 -9.81 6.81 -6.64
N CYS B 187 -9.62 7.81 -7.48
CA CYS B 187 -8.54 7.78 -8.45
C CYS B 187 -7.54 8.95 -8.27
N ALA B 188 -6.28 8.74 -8.66
CA ALA B 188 -5.18 9.71 -8.52
C ALA B 188 -4.27 9.64 -9.75
N GLY B 189 -3.59 10.74 -9.99
CA GLY B 189 -2.70 10.91 -11.12
C GLY B 189 -2.83 12.28 -11.73
N TYR B 190 -1.88 12.64 -12.58
CA TYR B 190 -1.86 13.93 -13.25
C TYR B 190 -2.77 13.94 -14.46
N LYS B 191 -3.38 15.10 -14.75
CA LYS B 191 -4.24 15.26 -15.94
C LYS B 191 -3.32 15.49 -17.14
N PRO B 192 -3.73 15.17 -18.39
CA PRO B 192 -2.82 15.37 -19.52
C PRO B 192 -2.23 16.78 -19.65
N ASP B 193 -3.02 17.80 -19.32
CA ASP B 193 -2.63 19.20 -19.36
C ASP B 193 -1.69 19.65 -18.23
N GLU B 194 -1.32 18.72 -17.32
CA GLU B 194 -0.42 19.04 -16.20
C GLU B 194 1.10 18.82 -16.46
N GLY B 195 1.45 18.11 -17.53
CA GLY B 195 2.85 17.86 -17.87
C GLY B 195 3.55 16.81 -17.03
N LYS B 196 3.34 16.79 -15.70
CA LYS B 196 3.95 15.79 -14.82
C LYS B 196 3.38 14.39 -15.09
N ARG B 197 4.14 13.34 -14.76
CA ARG B 197 3.71 11.94 -14.97
C ARG B 197 3.85 11.12 -13.67
N GLY B 198 3.53 9.83 -13.75
CA GLY B 198 3.67 8.92 -12.62
C GLY B 198 2.44 8.09 -12.36
N ASP B 199 2.65 6.85 -11.96
CA ASP B 199 1.57 5.93 -11.66
C ASP B 199 2.15 4.74 -10.95
N ALA B 200 1.29 3.94 -10.34
CA ALA B 200 1.64 2.64 -9.77
C ALA B 200 1.49 1.70 -11.00
N CYS B 201 1.99 0.47 -10.90
CA CYS B 201 1.93 -0.47 -12.03
C CYS B 201 1.85 -1.93 -11.49
N GLU B 202 1.99 -2.95 -12.37
CA GLU B 202 1.95 -4.36 -11.93
C GLU B 202 3.10 -4.63 -10.94
N GLY B 203 2.76 -5.22 -9.80
CA GLY B 203 3.69 -5.53 -8.73
C GLY B 203 3.49 -4.59 -7.55
N ASP B 204 2.91 -3.37 -7.79
CA ASP B 204 2.61 -2.36 -6.76
C ASP B 204 1.34 -2.68 -5.97
N SER B 205 0.40 -3.43 -6.57
CA SER B 205 -0.91 -3.81 -6.01
C SER B 205 -0.85 -4.21 -4.55
N GLY B 206 -1.78 -3.68 -3.77
CA GLY B 206 -1.85 -3.98 -2.34
C GLY B 206 -1.06 -3.01 -1.51
N GLY B 207 -0.16 -2.28 -2.19
CA GLY B 207 0.72 -1.28 -1.60
C GLY B 207 -0.06 -0.08 -1.12
N PRO B 208 0.50 0.71 -0.18
CA PRO B 208 -0.27 1.84 0.36
C PRO B 208 -0.21 3.14 -0.43
N PHE B 209 -1.31 3.90 -0.38
CA PHE B 209 -1.41 5.28 -0.86
C PHE B 209 -1.55 6.10 0.48
N VAL B 210 -0.53 6.90 0.83
CA VAL B 210 -0.45 7.62 2.11
C VAL B 210 -0.46 9.16 1.99
N MET B 211 -0.99 9.83 3.04
CA MET B 211 -1.02 11.29 3.16
C MET B 211 -0.53 11.66 4.54
N LYS B 212 0.22 12.74 4.63
CA LYS B 212 0.75 13.21 5.89
C LYS B 212 -0.11 14.34 6.36
N SER B 213 -0.59 14.27 7.61
CA SER B 213 -1.44 15.32 8.15
C SER B 213 -0.65 16.57 8.50
N PRO B 214 -1.12 17.74 8.06
CA PRO B 214 -0.43 18.98 8.45
C PRO B 214 -0.77 19.41 9.89
N PHE B 215 -1.79 18.81 10.52
CA PHE B 215 -2.24 19.10 11.88
C PHE B 215 -1.34 18.38 12.86
N ASN B 216 -1.57 17.07 13.10
CA ASN B 216 -0.67 16.23 13.91
C ASN B 216 0.32 15.86 12.83
N ASN B 217 1.56 15.51 13.05
CA ASN B 217 2.19 15.24 11.76
C ASN B 217 2.37 13.77 11.41
N ARG B 218 1.21 13.08 11.34
CA ARG B 218 1.17 11.64 11.10
C ARG B 218 0.87 11.25 9.66
N TRP B 219 1.35 10.06 9.30
CA TRP B 219 1.08 9.46 8.00
C TRP B 219 -0.14 8.58 8.12
N TYR B 220 -1.11 8.83 7.24
CA TYR B 220 -2.36 8.10 7.15
C TYR B 220 -2.46 7.37 5.84
N GLN B 221 -2.92 6.14 5.87
CA GLN B 221 -3.13 5.37 4.64
C GLN B 221 -4.55 5.62 4.19
N MET B 222 -4.66 6.37 3.08
CA MET B 222 -5.96 6.70 2.50
C MET B 222 -6.47 5.66 1.45
N GLY B 223 -5.55 5.02 0.76
CA GLY B 223 -5.92 4.04 -0.25
C GLY B 223 -5.02 2.84 -0.32
N ILE B 224 -5.43 1.86 -1.11
CA ILE B 224 -4.66 0.63 -1.44
C ILE B 224 -4.58 0.61 -2.97
N VAL B 225 -3.38 0.43 -3.54
CA VAL B 225 -3.14 0.33 -5.00
C VAL B 225 -4.00 -0.83 -5.52
N SER B 226 -5.04 -0.53 -6.33
CA SER B 226 -5.98 -1.52 -6.84
C SER B 226 -5.91 -1.87 -8.33
N TRP B 227 -6.36 -0.94 -9.17
CA TRP B 227 -6.45 -1.18 -10.61
C TRP B 227 -6.16 0.09 -11.41
N GLY B 228 -6.00 -0.09 -12.71
CA GLY B 228 -5.72 0.97 -13.66
C GLY B 228 -5.59 0.35 -15.02
N GLU B 229 -5.81 1.15 -16.06
CA GLU B 229 -5.72 0.71 -17.45
C GLU B 229 -4.36 1.10 -17.96
N GLY B 230 -3.52 0.09 -18.11
CA GLY B 230 -2.11 0.22 -18.42
C GLY B 230 -1.39 0.80 -17.21
N CYS B 231 -0.26 1.48 -17.44
CA CYS B 231 0.49 2.21 -16.42
C CYS B 231 0.89 3.54 -17.04
N ASP B 232 0.66 4.64 -16.32
CA ASP B 232 1.07 5.98 -16.76
C ASP B 232 0.61 6.35 -18.20
N ARG B 233 -0.65 6.06 -18.50
CA ARG B 233 -1.24 6.41 -19.80
C ARG B 233 -1.94 7.74 -19.69
N ASP B 234 -1.79 8.59 -20.71
CA ASP B 234 -2.44 9.90 -20.79
C ASP B 234 -3.94 9.72 -20.76
N GLY B 235 -4.62 10.56 -19.98
CA GLY B 235 -6.07 10.50 -19.81
C GLY B 235 -6.55 9.33 -18.98
N LYS B 236 -5.63 8.55 -18.41
CA LYS B 236 -5.92 7.39 -17.55
C LYS B 236 -5.42 7.64 -16.13
N TYR B 237 -6.11 7.07 -15.12
CA TYR B 237 -5.75 7.28 -13.71
C TYR B 237 -5.67 5.98 -12.91
N GLY B 238 -4.81 5.95 -11.89
CA GLY B 238 -4.73 4.79 -11.02
C GLY B 238 -5.90 4.77 -10.06
N PHE B 239 -6.53 3.60 -9.86
CA PHE B 239 -7.67 3.48 -8.95
C PHE B 239 -7.24 2.82 -7.66
N TYR B 240 -7.70 3.41 -6.56
CA TYR B 240 -7.33 3.02 -5.22
C TYR B 240 -8.51 2.65 -4.34
N THR B 241 -8.38 1.55 -3.57
CA THR B 241 -9.41 1.11 -2.62
C THR B 241 -9.53 2.20 -1.56
N HIS B 242 -10.74 2.72 -1.31
CA HIS B 242 -11.01 3.79 -0.36
C HIS B 242 -10.96 3.21 1.07
N VAL B 243 -9.82 3.40 1.76
CA VAL B 243 -9.60 2.89 3.12
C VAL B 243 -10.62 3.37 4.16
N PHE B 244 -10.86 4.71 4.25
CA PHE B 244 -11.84 5.27 5.20
C PHE B 244 -13.24 4.65 5.15
N ARG B 245 -13.80 4.47 3.94
CA ARG B 245 -15.12 3.90 3.75
C ARG B 245 -15.21 2.45 4.23
N LEU B 246 -14.11 1.72 4.12
CA LEU B 246 -14.03 0.32 4.52
C LEU B 246 -13.49 0.16 5.94
N LYS B 247 -13.15 1.27 6.66
CA LYS B 247 -12.58 1.21 8.03
C LYS B 247 -13.45 0.46 9.06
N LYS B 248 -14.78 0.50 8.87
CA LYS B 248 -15.74 -0.19 9.73
C LYS B 248 -15.55 -1.73 9.66
N TRP B 249 -15.22 -2.27 8.46
CA TRP B 249 -14.97 -3.69 8.29
C TRP B 249 -13.60 -4.09 8.89
N ILE B 250 -12.58 -3.18 8.81
CA ILE B 250 -11.23 -3.41 9.36
C ILE B 250 -11.34 -3.55 10.87
N GLN B 251 -12.06 -2.63 11.51
CA GLN B 251 -12.25 -2.64 12.95
C GLN B 251 -12.94 -3.92 13.40
N LYS B 252 -14.01 -4.35 12.68
CA LYS B 252 -14.77 -5.56 12.97
C LYS B 252 -13.87 -6.79 13.11
N VAL B 253 -13.03 -7.05 12.07
CA VAL B 253 -12.15 -8.21 12.07
C VAL B 253 -11.02 -8.15 13.08
N ILE B 254 -10.38 -6.98 13.23
CA ILE B 254 -9.30 -6.83 14.22
C ILE B 254 -9.89 -7.09 15.63
N ASP B 255 -11.02 -6.43 15.96
CA ASP B 255 -11.70 -6.60 17.26
C ASP B 255 -12.23 -8.00 17.53
N GLN B 256 -12.73 -8.70 16.50
CA GLN B 256 -13.29 -10.02 16.63
C GLN B 256 -12.22 -11.09 16.76
N PHE B 257 -11.16 -10.98 15.92
CA PHE B 257 -10.09 -11.97 15.83
C PHE B 257 -8.76 -11.68 16.54
N GLY B 258 -8.80 -10.81 17.56
CA GLY B 258 -7.64 -10.49 18.39
C GLY B 258 -6.74 -9.42 17.79
N ASP C 2 17.22 -14.28 -9.57
CA ASP C 2 16.99 -12.85 -9.32
C ASP C 2 16.99 -12.53 -7.82
N PHE C 3 16.08 -13.14 -7.03
CA PHE C 3 16.00 -12.94 -5.59
C PHE C 3 17.03 -13.78 -4.86
N GLU C 4 17.54 -13.26 -3.74
CA GLU C 4 18.46 -14.02 -2.90
C GLU C 4 17.66 -15.05 -2.12
N GLU C 5 18.28 -16.20 -1.87
CA GLU C 5 17.78 -17.30 -1.07
C GLU C 5 17.59 -16.80 0.36
N ILE C 6 16.41 -17.06 0.93
CA ILE C 6 16.10 -16.67 2.30
C ILE C 6 16.41 -17.86 3.25
N PRO C 7 16.66 -17.69 4.55
CA PRO C 7 16.96 -18.86 5.40
C PRO C 7 15.87 -19.94 5.32
N GLU C 8 16.29 -21.22 5.31
CA GLU C 8 15.39 -22.37 5.19
C GLU C 8 14.32 -22.47 6.30
N GLU C 9 14.57 -21.83 7.47
CA GLU C 9 13.65 -21.75 8.62
C GLU C 9 12.33 -21.08 8.22
N PTR C 10 12.39 -20.14 7.26
CA PTR C 10 11.19 -19.43 6.79
C PTR C 10 10.34 -20.25 5.82
O PTR C 10 9.15 -19.96 5.70
CB PTR C 10 11.56 -18.03 6.23
CG PTR C 10 12.28 -17.20 7.28
CD1 PTR C 10 13.57 -16.74 7.01
CD2 PTR C 10 11.69 -16.90 8.51
CE1 PTR C 10 14.26 -15.96 7.94
CE2 PTR C 10 12.36 -16.12 9.47
CZ PTR C 10 13.65 -15.64 9.17
OH PTR C 10 14.32 -14.91 10.09
P PTR C 10 14.14 -13.39 9.89
O1P PTR C 10 14.68 -12.95 8.55
O2P PTR C 10 12.71 -13.02 10.18
O3P PTR C 10 14.97 -12.72 10.96
N LEU C 11 10.92 -21.27 5.15
CA LEU C 11 10.23 -22.10 4.15
C LEU C 11 9.59 -23.38 4.68
N GLN C 12 10.04 -23.87 5.85
CA GLN C 12 9.52 -25.13 6.44
C GLN C 12 8.22 -24.94 7.20
S10 0BM D . -5.48 -3.95 -17.12
O11 0BM D . -6.21 -4.91 -17.88
O12 0BM D . -4.79 -2.91 -17.80
C13 0BM D . -4.33 -4.81 -16.12
N9 0BM D . -6.58 -3.23 -16.16
C8 0BM D . -7.53 -3.97 -15.33
C15 0BM D . -6.91 -4.06 -13.93
O16 0BM D . -6.38 -3.07 -13.45
C7 0BM D . -8.85 -3.18 -15.31
C6 0BM D . -9.91 -3.86 -14.49
C1 0BM D . -10.34 -3.31 -13.28
C5 0BM D . -10.51 -5.05 -14.92
C2 0BM D . -11.32 -3.94 -12.52
C4 0BM D . -11.48 -5.68 -14.15
C3 0BM D . -11.88 -5.12 -12.95
N17 0BM D . -6.90 -5.25 -13.28
C21 0BM D . -6.29 -5.38 -11.94
C22 0BM D . -4.78 -5.23 -12.04
O23 0BM D . -4.18 -5.63 -13.04
C20 0BM D . -6.68 -6.80 -11.51
C19 0BM D . -7.75 -7.25 -12.48
C18 0BM D . -7.39 -6.55 -13.75
N24 0BM D . -4.16 -4.64 -11.02
C25 0BM D . -2.73 -4.37 -11.06
C26 0BM D . -2.27 -2.97 -11.41
C27 0BM D . -2.57 -1.96 -10.30
C28 0BM D . -1.92 -0.59 -10.59
N29 0BM D . -2.30 -0.07 -11.90
C30 0BM D . -2.07 -1.00 -13.03
C31 0BM D . -2.70 -2.38 -12.76
C32 0BM D . -2.30 1.37 -12.08
N33 0BM D . -2.16 1.82 -13.46
N34 0BM D . -2.40 2.28 -11.17
#